data_6YY4
#
_entry.id   6YY4
#
_entity_poly.entity_id   1
_entity_poly.type   'polydeoxyribonucleotide'
_entity_poly.pdbx_seq_one_letter_code
;(DG)(DG)(DG)(DT)(DG)(DG)(DG)(DA)(DA)(DG)(DG)(DG)(DT)(DG)(DG)(DG)(DA)
;
_entity_poly.pdbx_strand_id   A
#
loop_
_chem_comp.id
_chem_comp.type
_chem_comp.name
_chem_comp.formula
DA DNA linking 2'-DEOXYADENOSINE-5'-MONOPHOSPHATE 'C10 H14 N5 O6 P'
DG DNA linking 2'-DEOXYGUANOSINE-5'-MONOPHOSPHATE 'C10 H14 N5 O7 P'
DT DNA linking THYMIDINE-5'-MONOPHOSPHATE 'C10 H15 N2 O8 P'
#